data_8BUW
#
_entry.id   8BUW
#
_cell.length_a   30.547
_cell.length_b   30.298
_cell.length_c   89.460
_cell.angle_alpha   90.000
_cell.angle_beta   90.920
_cell.angle_gamma   90.000
#
_symmetry.space_group_name_H-M   'P 1 21 1'
#
loop_
_entity.id
_entity.type
_entity.pdbx_description
1 polymer 'Leucine-rich repeat-containing protein 1'
2 polymer 'Vang-like protein 1'
#
loop_
_entity_poly.entity_id
_entity_poly.type
_entity_poly.pdbx_seq_one_letter_code
_entity_poly.pdbx_strand_id
1 'polypeptide(L)'
;GPLGSEVIQALIFKDDGSLGLSISGGVGSSSFKSGDDGIFVSKIAKGGPCDNEGTLKIGDKILSVNEISFTGITHEKAVE
ILKNQDSKYMVVVERS
;
A,B
2 'polypeptide(L)' NPNPETSV D,C
#
# COMPACT_ATOMS: atom_id res chain seq x y z
N PRO A 2 9.70 17.57 -7.04
CA PRO A 2 9.05 18.85 -6.72
C PRO A 2 9.29 19.29 -5.28
N LEU A 3 9.10 18.36 -4.35
CA LEU A 3 9.40 18.60 -2.94
C LEU A 3 10.79 18.12 -2.55
N GLY A 4 11.57 17.60 -3.49
CA GLY A 4 12.88 17.06 -3.16
C GLY A 4 12.75 15.70 -2.51
N SER A 5 13.78 15.33 -1.73
CA SER A 5 13.77 14.02 -1.11
C SER A 5 12.73 14.03 0.01
N GLU A 6 11.82 13.05 -0.02
CA GLU A 6 10.77 12.91 0.98
C GLU A 6 11.07 11.69 1.83
N VAL A 7 11.08 11.87 3.15
CA VAL A 7 11.25 10.76 4.07
C VAL A 7 9.86 10.20 4.38
N ILE A 8 9.56 9.02 3.84
CA ILE A 8 8.26 8.38 3.99
C ILE A 8 8.43 7.16 4.87
N GLN A 9 7.34 6.79 5.56
CA GLN A 9 7.33 5.70 6.53
C GLN A 9 6.17 4.76 6.21
N ALA A 10 6.40 3.46 6.39
CA ALA A 10 5.37 2.48 6.08
C ALA A 10 5.53 1.24 6.95
N LEU A 11 4.43 0.78 7.52
CA LEU A 11 4.41 -0.43 8.34
C LEU A 11 3.78 -1.56 7.53
N ILE A 12 4.56 -2.61 7.26
CA ILE A 12 4.12 -3.71 6.43
C ILE A 12 4.20 -5.00 7.23
N PHE A 13 3.17 -5.83 7.11
CA PHE A 13 3.10 -7.12 7.77
C PHE A 13 3.34 -8.22 6.74
N LYS A 14 4.15 -9.20 7.10
CA LYS A 14 4.51 -10.25 6.17
C LYS A 14 3.35 -11.21 5.93
N ASP A 15 3.40 -11.86 4.77
CA ASP A 15 2.48 -12.93 4.43
C ASP A 15 3.25 -13.96 3.61
N ASP A 16 3.14 -15.22 4.01
CA ASP A 16 3.93 -16.31 3.43
C ASP A 16 5.42 -15.94 3.44
N GLY A 17 5.92 -15.62 4.63
CA GLY A 17 7.34 -15.39 4.83
C GLY A 17 7.96 -14.39 3.88
N SER A 18 7.15 -13.46 3.35
CA SER A 18 7.64 -12.49 2.38
C SER A 18 6.95 -11.15 2.59
N LEU A 19 7.70 -10.08 2.29
CA LEU A 19 7.17 -8.73 2.37
C LEU A 19 6.63 -8.22 1.05
N GLY A 20 6.89 -8.91 -0.05
CA GLY A 20 6.30 -8.57 -1.31
C GLY A 20 7.06 -7.52 -2.09
N LEU A 21 8.34 -7.34 -1.82
CA LEU A 21 9.16 -6.36 -2.50
C LEU A 21 10.53 -6.96 -2.77
N SER A 22 11.11 -6.58 -3.90
CA SER A 22 12.44 -6.99 -4.29
C SER A 22 13.36 -5.79 -4.30
N ILE A 23 14.56 -5.97 -3.74
CA ILE A 23 15.51 -4.89 -3.53
C ILE A 23 16.69 -5.05 -4.49
N SER A 24 17.35 -3.91 -4.75
CA SER A 24 18.55 -3.87 -5.57
C SER A 24 19.52 -2.88 -4.93
N GLY A 25 20.79 -3.02 -5.27
CA GLY A 25 21.81 -2.12 -4.77
C GLY A 25 22.43 -2.59 -3.48
N GLY A 26 23.34 -1.75 -2.97
CA GLY A 26 24.05 -2.05 -1.75
C GLY A 26 25.54 -1.79 -1.89
N VAL A 27 26.23 -1.64 -0.76
CA VAL A 27 27.67 -1.41 -0.80
C VAL A 27 28.36 -2.66 -1.33
N GLY A 28 29.27 -2.47 -2.28
CA GLY A 28 29.88 -3.58 -2.97
C GLY A 28 29.07 -4.12 -4.13
N SER A 29 27.99 -3.47 -4.50
CA SER A 29 27.16 -3.88 -5.62
C SER A 29 27.07 -2.76 -6.65
N SER A 30 26.65 -3.13 -7.85
CA SER A 30 26.39 -2.14 -8.89
C SER A 30 25.25 -1.23 -8.45
N SER A 31 25.46 0.07 -8.55
CA SER A 31 24.50 1.03 -8.01
C SER A 31 23.20 0.98 -8.80
N PHE A 32 22.07 1.10 -8.06
CA PHE A 32 20.77 1.18 -8.72
C PHE A 32 20.56 2.54 -9.36
N LYS A 33 21.05 3.60 -8.74
CA LYS A 33 21.01 4.95 -9.27
C LYS A 33 22.41 5.53 -9.27
N SER A 34 22.55 6.69 -9.90
CA SER A 34 23.86 7.24 -10.19
C SER A 34 24.63 7.51 -8.90
N GLY A 35 25.80 6.89 -8.78
CA GLY A 35 26.68 7.11 -7.65
C GLY A 35 26.04 7.07 -6.29
N ASP A 36 25.01 6.24 -6.13
CA ASP A 36 24.28 6.13 -4.87
C ASP A 36 24.22 4.65 -4.49
N ASP A 37 25.09 4.25 -3.57
CA ASP A 37 24.90 2.98 -2.88
C ASP A 37 23.70 3.06 -1.95
N GLY A 38 22.98 1.96 -1.83
CA GLY A 38 21.80 1.93 -1.00
C GLY A 38 20.83 0.87 -1.46
N ILE A 39 19.94 0.49 -0.55
CA ILE A 39 18.94 -0.54 -0.81
C ILE A 39 17.75 0.17 -1.43
N PHE A 40 17.35 -0.27 -2.63
CA PHE A 40 16.24 0.33 -3.35
C PHE A 40 15.15 -0.69 -3.61
N VAL A 41 13.90 -0.25 -3.49
CA VAL A 41 12.76 -1.09 -3.85
C VAL A 41 12.72 -1.16 -5.38
N SER A 42 13.25 -2.25 -5.94
CA SER A 42 13.29 -2.39 -7.39
C SER A 42 12.05 -3.08 -7.95
N LYS A 43 11.29 -3.78 -7.10
CA LYS A 43 10.05 -4.38 -7.57
C LYS A 43 9.07 -4.51 -6.41
N ILE A 44 7.78 -4.50 -6.74
CA ILE A 44 6.70 -4.69 -5.78
C ILE A 44 5.74 -5.74 -6.34
N ALA A 45 5.63 -6.87 -5.65
CA ALA A 45 4.76 -7.94 -6.09
C ALA A 45 3.30 -7.51 -5.96
N LYS A 46 2.58 -7.48 -7.07
CA LYS A 46 1.18 -7.07 -7.06
C LYS A 46 0.36 -8.06 -6.24
N GLY A 47 -0.51 -7.52 -5.38
CA GLY A 47 -1.28 -8.34 -4.48
C GLY A 47 -0.56 -8.78 -3.22
N GLY A 48 0.71 -8.40 -3.05
CA GLY A 48 1.45 -8.75 -1.86
C GLY A 48 1.30 -7.72 -0.75
N PRO A 49 1.99 -7.94 0.36
CA PRO A 49 1.87 -6.99 1.48
C PRO A 49 2.30 -5.58 1.12
N CYS A 50 3.48 -5.43 0.52
CA CYS A 50 3.97 -4.10 0.17
C CYS A 50 3.02 -3.39 -0.78
N ASP A 51 2.41 -4.14 -1.69
CA ASP A 51 1.45 -3.53 -2.61
C ASP A 51 0.15 -3.16 -1.91
N ASN A 52 -0.36 -4.05 -1.05
CA ASN A 52 -1.62 -3.80 -0.38
C ASN A 52 -1.54 -2.69 0.66
N GLU A 53 -0.35 -2.38 1.17
CA GLU A 53 -0.22 -1.25 2.08
C GLU A 53 -0.29 0.07 1.32
N GLY A 54 0.43 0.15 0.19
CA GLY A 54 0.27 1.24 -0.75
C GLY A 54 1.14 2.46 -0.52
N THR A 55 2.00 2.45 0.50
CA THR A 55 2.81 3.63 0.79
C THR A 55 4.13 3.64 0.02
N LEU A 56 4.79 2.48 -0.08
CA LEU A 56 6.08 2.43 -0.74
C LEU A 56 5.91 2.34 -2.26
N LYS A 57 6.92 2.80 -2.98
CA LYS A 57 6.91 2.80 -4.43
C LYS A 57 8.28 2.39 -4.93
N ILE A 58 8.30 1.86 -6.15
CA ILE A 58 9.56 1.45 -6.76
C ILE A 58 10.46 2.67 -6.95
N GLY A 59 11.75 2.48 -6.67
CA GLY A 59 12.73 3.53 -6.80
C GLY A 59 13.11 4.19 -5.49
N ASP A 60 12.41 3.89 -4.41
CA ASP A 60 12.70 4.48 -3.11
C ASP A 60 13.95 3.85 -2.49
N LYS A 61 14.79 4.69 -1.89
CA LYS A 61 15.94 4.20 -1.15
C LYS A 61 15.51 3.84 0.27
N ILE A 62 15.71 2.58 0.65
CA ILE A 62 15.38 2.18 2.02
C ILE A 62 16.40 2.79 2.95
N LEU A 63 15.93 3.61 3.90
CA LEU A 63 16.79 4.23 4.91
C LEU A 63 16.83 3.44 6.21
N SER A 64 15.73 2.78 6.57
CA SER A 64 15.69 2.05 7.82
C SER A 64 14.64 0.95 7.74
N VAL A 65 14.87 -0.13 8.48
CA VAL A 65 13.91 -1.22 8.62
C VAL A 65 13.89 -1.61 10.11
N ASN A 66 12.81 -1.26 10.79
CA ASN A 66 12.71 -1.49 12.24
C ASN A 66 13.91 -0.86 12.95
N GLU A 67 14.20 0.39 12.59
CA GLU A 67 15.28 1.19 13.15
C GLU A 67 16.66 0.59 12.90
N ILE A 68 16.77 -0.31 11.93
CA ILE A 68 18.06 -0.83 11.48
C ILE A 68 18.50 0.02 10.30
N SER A 69 19.61 0.75 10.46
CA SER A 69 20.08 1.63 9.39
C SER A 69 20.51 0.79 8.20
N PHE A 70 19.91 1.06 7.04
CA PHE A 70 20.27 0.39 5.79
C PHE A 70 21.25 1.21 4.96
N THR A 71 21.77 2.31 5.50
CA THR A 71 22.74 3.13 4.80
C THR A 71 24.13 2.58 5.08
N GLY A 72 24.87 2.26 4.02
CA GLY A 72 26.20 1.72 4.15
C GLY A 72 26.29 0.22 4.31
N ILE A 73 25.19 -0.50 4.16
CA ILE A 73 25.20 -1.95 4.31
C ILE A 73 25.27 -2.60 2.93
N THR A 74 25.54 -3.90 2.92
CA THR A 74 25.63 -4.67 1.69
C THR A 74 24.24 -5.09 1.24
N HIS A 75 24.18 -5.62 0.01
CA HIS A 75 22.94 -6.21 -0.49
C HIS A 75 22.58 -7.46 0.32
N GLU A 76 23.58 -8.32 0.58
CA GLU A 76 23.35 -9.55 1.33
C GLU A 76 22.93 -9.26 2.77
N LYS A 77 23.46 -8.19 3.38
CA LYS A 77 23.02 -7.83 4.72
C LYS A 77 21.56 -7.42 4.73
N ALA A 78 21.14 -6.63 3.73
CA ALA A 78 19.74 -6.23 3.64
C ALA A 78 18.83 -7.44 3.47
N VAL A 79 19.23 -8.38 2.61
CA VAL A 79 18.42 -9.60 2.44
C VAL A 79 18.37 -10.39 3.74
N GLU A 80 19.51 -10.51 4.43
CA GLU A 80 19.55 -11.26 5.68
C GLU A 80 18.63 -10.62 6.73
N ILE A 81 18.56 -9.29 6.74
CA ILE A 81 17.72 -8.60 7.72
C ILE A 81 16.24 -8.77 7.37
N LEU A 82 15.87 -8.46 6.13
CA LEU A 82 14.46 -8.47 5.77
C LEU A 82 13.83 -9.85 5.87
N LYS A 83 14.63 -10.89 6.08
CA LYS A 83 14.17 -12.28 6.16
C LYS A 83 14.26 -12.83 7.59
N ASN A 84 13.98 -12.00 8.59
CA ASN A 84 14.05 -12.45 9.98
C ASN A 84 12.65 -12.81 10.48
N ASP A 86 10.65 -11.92 12.56
CA ASP A 86 9.68 -10.86 12.86
C ASP A 86 8.59 -10.82 11.80
N SER A 87 7.39 -10.39 12.21
CA SER A 87 6.25 -10.28 11.31
C SER A 87 5.97 -8.85 10.87
N LYS A 88 6.33 -7.86 11.68
CA LYS A 88 6.11 -6.45 11.39
C LYS A 88 7.40 -5.81 10.90
N TYR A 89 7.28 -4.91 9.93
CA TYR A 89 8.44 -4.21 9.37
C TYR A 89 8.09 -2.74 9.20
N MET A 90 8.75 -1.89 10.00
CA MET A 90 8.65 -0.43 9.86
C MET A 90 9.76 0.04 8.95
N VAL A 91 9.42 0.30 7.69
CA VAL A 91 10.38 0.67 6.67
C VAL A 91 10.30 2.17 6.46
N VAL A 92 11.44 2.84 6.56
CA VAL A 92 11.57 4.26 6.27
C VAL A 92 12.41 4.41 5.02
N VAL A 93 11.89 5.14 4.04
CA VAL A 93 12.51 5.30 2.74
C VAL A 93 12.60 6.78 2.40
N GLU A 94 13.41 7.09 1.40
CA GLU A 94 13.53 8.43 0.85
C GLU A 94 13.10 8.39 -0.61
N ARG A 95 12.19 9.28 -0.99
CA ARG A 95 11.66 9.32 -2.35
C ARG A 95 12.12 10.60 -3.05
N GLY B 4 -25.58 -8.98 -10.42
CA GLY B 4 -25.21 -10.05 -9.45
C GLY B 4 -24.23 -9.53 -8.42
N SER B 5 -24.72 -9.25 -7.21
CA SER B 5 -23.87 -8.64 -6.20
C SER B 5 -24.54 -8.80 -4.84
N GLU B 6 -23.73 -9.13 -3.83
CA GLU B 6 -24.19 -9.36 -2.46
C GLU B 6 -23.93 -8.10 -1.64
N VAL B 7 -24.95 -7.64 -0.93
CA VAL B 7 -24.84 -6.46 -0.10
C VAL B 7 -24.28 -6.88 1.25
N ILE B 8 -23.02 -6.53 1.51
CA ILE B 8 -22.35 -6.89 2.75
C ILE B 8 -22.10 -5.62 3.56
N GLN B 9 -22.04 -5.80 4.88
CA GLN B 9 -21.87 -4.69 5.81
C GLN B 9 -20.71 -5.02 6.75
N ALA B 10 -19.96 -3.98 7.12
CA ALA B 10 -18.78 -4.16 7.97
C ALA B 10 -18.57 -2.90 8.81
N LEU B 11 -18.31 -3.09 10.10
CA LEU B 11 -18.05 -1.99 11.01
C LEU B 11 -16.54 -1.94 11.29
N ILE B 12 -15.89 -0.87 10.83
CA ILE B 12 -14.44 -0.73 10.93
C ILE B 12 -14.11 0.53 11.72
N PHE B 13 -13.16 0.42 12.62
CA PHE B 13 -12.71 1.55 13.43
C PHE B 13 -11.33 2.01 12.97
N LYS B 14 -11.17 3.33 12.86
CA LYS B 14 -9.94 3.91 12.34
C LYS B 14 -8.81 3.78 13.35
N ASP B 16 -4.94 4.12 14.03
CA ASP B 16 -4.71 5.46 14.59
C ASP B 16 -5.22 6.51 13.61
N GLY B 17 -4.61 6.58 12.43
CA GLY B 17 -5.03 7.51 11.41
C GLY B 17 -5.27 6.86 10.06
N SER B 18 -5.53 5.56 10.06
CA SER B 18 -5.79 4.81 8.83
C SER B 18 -6.78 3.70 9.13
N LEU B 19 -7.63 3.40 8.14
CA LEU B 19 -8.52 2.25 8.23
C LEU B 19 -7.98 1.03 7.49
N GLY B 20 -6.92 1.19 6.70
CA GLY B 20 -6.20 0.07 6.13
C GLY B 20 -6.64 -0.44 4.78
N LEU B 21 -7.30 0.39 3.98
CA LEU B 21 -7.72 -0.01 2.64
C LEU B 21 -7.57 1.17 1.69
N SER B 22 -7.28 0.86 0.43
CA SER B 22 -7.18 1.85 -0.64
C SER B 22 -8.30 1.65 -1.64
N ILE B 23 -8.88 2.76 -2.09
CA ILE B 23 -10.04 2.76 -2.98
C ILE B 23 -9.63 3.21 -4.38
N SER B 24 -10.45 2.82 -5.36
CA SER B 24 -10.25 3.23 -6.74
C SER B 24 -11.60 3.56 -7.38
N GLY B 25 -11.54 4.33 -8.45
CA GLY B 25 -12.74 4.70 -9.18
C GLY B 25 -13.34 6.00 -8.69
N GLY B 26 -14.47 6.34 -9.29
CA GLY B 26 -15.17 7.56 -9.00
C GLY B 26 -15.63 8.27 -10.26
N VAL B 27 -16.59 9.17 -10.11
CA VAL B 27 -17.09 9.93 -11.24
C VAL B 27 -16.02 10.92 -11.71
N GLY B 28 -15.81 10.99 -13.02
CA GLY B 28 -14.77 11.82 -13.57
C GLY B 28 -13.39 11.21 -13.54
N SER B 29 -13.28 9.95 -13.11
CA SER B 29 -12.03 9.24 -13.05
C SER B 29 -12.12 7.96 -13.88
N SER B 30 -10.96 7.38 -14.18
CA SER B 30 -10.93 6.13 -14.91
C SER B 30 -11.57 5.03 -14.09
N SER B 31 -12.50 4.30 -14.71
CA SER B 31 -13.32 3.32 -14.01
C SER B 31 -12.49 2.12 -13.58
N PHE B 32 -12.87 1.57 -12.41
CA PHE B 32 -12.23 0.36 -11.91
C PHE B 32 -12.62 -0.87 -12.74
N LYS B 33 -13.85 -0.91 -13.26
CA LYS B 33 -14.31 -1.99 -14.12
C LYS B 33 -14.88 -1.42 -15.41
N SER B 34 -15.21 -2.33 -16.34
CA SER B 34 -15.38 -1.98 -17.74
C SER B 34 -16.49 -0.96 -18.00
N GLY B 35 -17.47 -0.82 -17.12
CA GLY B 35 -18.49 0.17 -17.36
C GLY B 35 -19.12 0.71 -16.10
N ASP B 36 -18.33 0.78 -15.04
CA ASP B 36 -18.81 1.15 -13.72
C ASP B 36 -17.97 2.27 -13.12
N ASP B 37 -18.48 3.50 -13.19
CA ASP B 37 -17.95 4.53 -12.30
C ASP B 37 -18.42 4.20 -10.89
N GLY B 38 -17.54 4.38 -9.92
CA GLY B 38 -17.87 4.00 -8.56
C GLY B 38 -16.62 3.69 -7.77
N ILE B 39 -16.77 3.73 -6.45
CA ILE B 39 -15.65 3.54 -5.54
C ILE B 39 -15.51 2.04 -5.25
N PHE B 40 -14.34 1.50 -5.53
CA PHE B 40 -14.05 0.09 -5.33
C PHE B 40 -12.89 -0.07 -4.36
N VAL B 41 -12.97 -1.08 -3.50
CA VAL B 41 -11.87 -1.42 -2.60
C VAL B 41 -10.77 -2.09 -3.44
N SER B 42 -9.74 -1.33 -3.76
CA SER B 42 -8.65 -1.85 -4.59
C SER B 42 -7.52 -2.48 -3.79
N LYS B 43 -7.40 -2.17 -2.50
CA LYS B 43 -6.34 -2.75 -1.70
C LYS B 43 -6.76 -2.83 -0.24
N ILE B 44 -6.21 -3.82 0.47
CA ILE B 44 -6.45 -3.97 1.90
C ILE B 44 -5.11 -4.24 2.58
N ALA B 45 -4.69 -3.30 3.44
CA ALA B 45 -3.42 -3.43 4.14
C ALA B 45 -3.47 -4.58 5.13
N LYS B 46 -2.59 -5.55 4.96
CA LYS B 46 -2.53 -6.68 5.89
C LYS B 46 -2.12 -6.19 7.27
N GLY B 47 -2.83 -6.65 8.28
CA GLY B 47 -2.61 -6.20 9.64
C GLY B 47 -3.30 -4.89 10.01
N GLY B 48 -4.01 -4.27 9.09
CA GLY B 48 -4.71 -3.03 9.37
C GLY B 48 -6.12 -3.26 9.89
N PRO B 49 -6.84 -2.17 10.17
CA PRO B 49 -8.20 -2.33 10.72
C PRO B 49 -9.13 -3.10 9.81
N CYS B 50 -9.20 -2.74 8.53
CA CYS B 50 -10.10 -3.43 7.61
C CYS B 50 -9.73 -4.89 7.49
N ASP B 51 -8.43 -5.21 7.49
CA ASP B 51 -8.02 -6.60 7.41
C ASP B 51 -8.29 -7.32 8.73
N ASN B 52 -8.07 -6.64 9.85
CA ASN B 52 -8.28 -7.26 11.15
C ASN B 52 -9.76 -7.52 11.42
N GLU B 53 -10.66 -6.77 10.78
CA GLU B 53 -12.08 -7.08 10.90
C GLU B 53 -12.46 -8.27 10.02
N GLY B 54 -11.94 -8.30 8.78
CA GLY B 54 -12.00 -9.47 7.94
C GLY B 54 -13.21 -9.61 7.04
N THR B 55 -14.14 -8.65 7.04
CA THR B 55 -15.35 -8.78 6.25
C THR B 55 -15.18 -8.28 4.83
N LEU B 56 -14.47 -7.17 4.64
CA LEU B 56 -14.33 -6.61 3.30
C LEU B 56 -13.24 -7.34 2.52
N LYS B 57 -13.34 -7.27 1.20
CA LYS B 57 -12.42 -7.93 0.30
C LYS B 57 -12.10 -7.01 -0.87
N ILE B 58 -10.94 -7.27 -1.49
CA ILE B 58 -10.55 -6.48 -2.65
C ILE B 58 -11.58 -6.67 -3.75
N GLY B 59 -11.94 -5.57 -4.41
CA GLY B 59 -12.91 -5.60 -5.48
C GLY B 59 -14.31 -5.19 -5.07
N ASP B 60 -14.55 -4.99 -3.78
CA ASP B 60 -15.89 -4.63 -3.33
C ASP B 60 -16.19 -3.18 -3.71
N LYS B 61 -17.39 -2.96 -4.23
CA LYS B 61 -17.89 -1.61 -4.51
C LYS B 61 -18.53 -1.05 -3.25
N ILE B 62 -18.02 0.07 -2.77
CA ILE B 62 -18.57 0.73 -1.60
C ILE B 62 -19.90 1.37 -1.99
N LEU B 63 -20.98 0.98 -1.31
CA LEU B 63 -22.27 1.61 -1.53
C LEU B 63 -22.53 2.74 -0.55
N SER B 64 -22.05 2.62 0.68
CA SER B 64 -22.29 3.68 1.66
C SER B 64 -21.23 3.60 2.75
N VAL B 65 -20.98 4.75 3.37
CA VAL B 65 -20.08 4.86 4.52
C VAL B 65 -20.78 5.76 5.54
N ASN B 66 -21.25 5.17 6.63
CA ASN B 66 -22.03 5.88 7.64
C ASN B 66 -23.23 6.56 6.98
N GLU B 67 -23.93 5.80 6.15
CA GLU B 67 -25.12 6.25 5.44
C GLU B 67 -24.82 7.39 4.47
N ILE B 68 -23.56 7.56 4.07
CA ILE B 68 -23.18 8.49 3.01
C ILE B 68 -23.12 7.71 1.71
N SER B 69 -23.98 8.06 0.76
CA SER B 69 -24.03 7.34 -0.51
C SER B 69 -22.77 7.62 -1.32
N PHE B 70 -22.06 6.55 -1.69
CA PHE B 70 -20.86 6.65 -2.51
C PHE B 70 -21.14 6.40 -3.99
N THR B 71 -22.40 6.26 -4.38
CA THR B 71 -22.75 6.05 -5.78
C THR B 71 -22.94 7.40 -6.47
N GLY B 72 -22.19 7.63 -7.53
CA GLY B 72 -22.26 8.87 -8.26
C GLY B 72 -21.39 9.99 -7.75
N ILE B 73 -20.50 9.71 -6.80
CA ILE B 73 -19.61 10.73 -6.26
C ILE B 73 -18.25 10.59 -6.94
N THR B 74 -17.41 11.60 -6.76
CA THR B 74 -16.08 11.61 -7.34
C THR B 74 -15.11 10.83 -6.46
N HIS B 75 -13.91 10.60 -6.99
CA HIS B 75 -12.86 9.97 -6.19
C HIS B 75 -12.43 10.89 -5.06
N GLU B 76 -12.22 12.18 -5.35
CA GLU B 76 -11.77 13.10 -4.32
C GLU B 76 -12.82 13.25 -3.23
N LYS B 77 -14.11 13.20 -3.58
CA LYS B 77 -15.15 13.24 -2.56
C LYS B 77 -15.09 12.01 -1.67
N ALA B 78 -14.88 10.84 -2.27
CA ALA B 78 -14.77 9.61 -1.48
C ALA B 78 -13.59 9.69 -0.52
N VAL B 79 -12.45 10.19 -0.99
CA VAL B 79 -11.30 10.33 -0.09
C VAL B 79 -11.61 11.34 1.00
N GLU B 80 -12.25 12.46 0.64
CA GLU B 80 -12.58 13.49 1.61
C GLU B 80 -13.46 12.90 2.71
N ILE B 81 -14.33 11.97 2.36
CA ILE B 81 -15.17 11.34 3.37
C ILE B 81 -14.34 10.35 4.19
N LEU B 82 -13.70 9.41 3.52
CA LEU B 82 -13.01 8.33 4.22
C LEU B 82 -11.84 8.79 5.06
N LYS B 83 -11.39 10.04 4.95
CA LYS B 83 -10.23 10.44 5.74
C LYS B 83 -10.58 11.31 6.94
N ASN B 84 -11.40 12.34 6.78
CA ASN B 84 -11.75 13.22 7.90
C ASN B 84 -13.10 12.88 8.50
N GLN B 85 -13.34 11.59 8.76
CA GLN B 85 -14.44 11.17 9.61
C GLN B 85 -13.90 10.52 10.88
N SER B 87 -14.28 8.10 14.15
CA SER B 87 -13.46 6.90 14.25
C SER B 87 -14.21 5.67 13.75
N LYS B 88 -15.53 5.72 13.80
CA LYS B 88 -16.38 4.60 13.46
C LYS B 88 -16.84 4.71 12.00
N TYR B 89 -16.82 3.58 11.30
CA TYR B 89 -17.19 3.54 9.89
C TYR B 89 -18.08 2.32 9.68
N MET B 90 -19.37 2.56 9.43
CA MET B 90 -20.31 1.50 9.08
C MET B 90 -20.36 1.50 7.56
N VAL B 91 -19.64 0.55 6.94
CA VAL B 91 -19.45 0.50 5.50
C VAL B 91 -20.36 -0.56 4.91
N VAL B 92 -21.10 -0.19 3.87
CA VAL B 92 -21.92 -1.11 3.09
C VAL B 92 -21.32 -1.20 1.69
N VAL B 93 -21.08 -2.43 1.23
CA VAL B 93 -20.45 -2.69 -0.06
C VAL B 93 -21.29 -3.69 -0.83
N GLU B 94 -21.01 -3.78 -2.13
CA GLU B 94 -21.60 -4.77 -3.02
C GLU B 94 -20.49 -5.66 -3.56
N ARG B 95 -20.67 -6.97 -3.44
CA ARG B 95 -19.69 -7.98 -3.82
C ARG B 95 -20.20 -8.70 -5.06
N SER B 96 -19.64 -8.36 -6.21
CA SER B 96 -20.03 -8.99 -7.46
C SER B 96 -19.71 -10.48 -7.45
N ASN C 1 30.81 -5.27 -11.35
CA ASN C 1 30.24 -5.38 -10.01
C ASN C 1 28.91 -6.12 -10.07
N PRO C 2 28.62 -6.94 -9.04
CA PRO C 2 27.35 -7.68 -9.04
C PRO C 2 26.17 -6.73 -9.03
N ASN C 3 25.13 -7.08 -9.77
CA ASN C 3 23.91 -6.28 -9.85
C ASN C 3 22.71 -7.17 -9.52
N PRO C 4 22.54 -7.52 -8.25
CA PRO C 4 21.50 -8.47 -7.86
C PRO C 4 20.17 -7.80 -7.56
N GLU C 5 19.09 -8.53 -7.86
CA GLU C 5 17.74 -8.13 -7.48
C GLU C 5 17.14 -9.29 -6.70
N THR C 6 17.03 -9.13 -5.39
CA THR C 6 16.63 -10.20 -4.49
C THR C 6 15.18 -9.99 -4.07
N SER C 7 14.38 -11.05 -4.20
CA SER C 7 12.98 -11.01 -3.78
C SER C 7 12.90 -11.21 -2.27
N VAL C 8 12.29 -10.25 -1.58
CA VAL C 8 12.16 -10.28 -0.13
C VAL C 8 10.68 -10.25 0.25
N ASN D 1 -8.25 10.10 -18.63
CA ASN D 1 -8.92 10.36 -17.36
C ASN D 1 -8.06 9.88 -16.19
N PRO D 2 -8.04 10.62 -15.08
CA PRO D 2 -7.23 10.20 -13.95
C PRO D 2 -7.65 8.83 -13.42
N ASN D 3 -6.67 8.03 -13.02
CA ASN D 3 -6.90 6.70 -12.45
C ASN D 3 -6.20 6.61 -11.10
N PRO D 4 -6.75 7.26 -10.08
CA PRO D 4 -6.08 7.30 -8.78
C PRO D 4 -6.46 6.11 -7.90
N GLU D 5 -5.49 5.71 -7.09
CA GLU D 5 -5.69 4.69 -6.06
C GLU D 5 -5.24 5.31 -4.74
N THR D 6 -6.20 5.67 -3.90
CA THR D 6 -5.92 6.41 -2.67
C THR D 6 -6.03 5.49 -1.46
N SER D 7 -4.96 5.45 -0.67
CA SER D 7 -4.96 4.71 0.59
C SER D 7 -5.58 5.56 1.69
N VAL D 8 -6.62 5.03 2.33
CA VAL D 8 -7.32 5.75 3.39
C VAL D 8 -7.23 4.97 4.71
#